data_9OMJ
#
_entry.id   9OMJ
#
_cell.length_a   64.910
_cell.length_b   65.640
_cell.length_c   124.120
_cell.angle_alpha   90.000
_cell.angle_beta   90.000
_cell.angle_gamma   90.000
#
_symmetry.space_group_name_H-M   'P 21 21 21'
#
loop_
_entity.id
_entity.type
_entity.pdbx_description
1 polymer Glycosyltransferase
2 non-polymer "GUANOSINE-5'-DIPHOSPHATE-BETA-L-FUCOPYRANOSE"
3 non-polymer GLYCEROL
4 water water
#
_entity_poly.entity_id   1
_entity_poly.type   'polypeptide(L)'
_entity_poly.pdbx_seq_one_letter_code
;MGPAFDITVVIPTFKAEKTVGQCLESVLSQQGVSTEIIVVDGGSPDATISIVQSFSSTNLTIISEPDRGIYDAINKGVSR
AQGGMIGVLGADDVYKPNVLSVVKENASRGVEIVAGLTLIDGQLRADEQYRPAALISGIPFGHNAMFASQEAYRKVGLYD
LAYRICADAEWVHRAIKSDISCRKVEQVFVEFGTEGTSSTNPEEIIAEACSVIQRNFPFLLKEEAKYLLYGVRGWGETSR
IEQILRKYGHESVLFVTALQEAFPAVETAAALEHHHHHH
;
_entity_poly.pdbx_strand_id   A,B
#
loop_
_chem_comp.id
_chem_comp.type
_chem_comp.name
_chem_comp.formula
GFB non-polymer GUANOSINE-5'-DIPHOSPHATE-BETA-L-FUCOPYRANOSE 'C16 H25 N5 O15 P2'
GOL non-polymer GLYCEROL 'C3 H8 O3'
#
# COMPACT_ATOMS: atom_id res chain seq x y z
N ALA A 4 -4.53 31.35 -0.64
CA ALA A 4 -3.57 32.42 -0.87
C ALA A 4 -2.99 32.38 -2.28
N PHE A 5 -3.14 31.20 -2.88
CA PHE A 5 -2.63 30.89 -4.20
C PHE A 5 -3.73 30.27 -5.05
N ASP A 6 -3.71 30.56 -6.35
CA ASP A 6 -4.65 29.93 -7.27
C ASP A 6 -4.42 28.43 -7.37
N ILE A 7 -3.16 28.02 -7.44
CA ILE A 7 -2.73 26.66 -7.76
C ILE A 7 -1.64 26.27 -6.78
N THR A 8 -1.69 25.02 -6.29
CA THR A 8 -0.53 24.34 -5.71
C THR A 8 -0.14 23.20 -6.63
N VAL A 9 1.14 23.10 -6.93
CA VAL A 9 1.70 21.97 -7.68
C VAL A 9 2.57 21.18 -6.73
N VAL A 10 2.20 19.90 -6.55
CA VAL A 10 2.95 18.95 -5.71
C VAL A 10 3.83 18.14 -6.63
N ILE A 11 5.14 18.13 -6.34
CA ILE A 11 6.05 17.38 -7.19
C ILE A 11 6.84 16.42 -6.32
N PRO A 12 6.53 15.12 -6.36
CA PRO A 12 7.34 14.15 -5.63
C PRO A 12 8.59 13.87 -6.44
N THR A 13 9.72 13.87 -5.73
CA THR A 13 11.01 13.61 -6.33
C THR A 13 11.86 12.61 -5.58
N PHE A 14 12.57 11.76 -6.33
CA PHE A 14 13.65 10.97 -5.78
C PHE A 14 14.63 10.74 -6.91
N LYS A 15 15.86 11.26 -6.76
CA LYS A 15 16.92 11.11 -7.77
C LYS A 15 16.45 11.63 -9.13
N ALA A 16 15.92 12.84 -9.13
CA ALA A 16 15.33 13.43 -10.32
C ALA A 16 16.21 14.44 -11.00
N GLU A 17 17.53 14.34 -10.85
CA GLU A 17 18.37 15.43 -11.33
C GLU A 17 18.30 15.59 -12.85
N LYS A 18 18.05 14.51 -13.59
CA LYS A 18 18.08 14.61 -15.04
C LYS A 18 16.96 15.49 -15.60
N THR A 19 15.80 15.51 -14.94
CA THR A 19 14.64 16.20 -15.52
C THR A 19 13.93 17.21 -14.64
N VAL A 20 14.32 17.38 -13.37
CA VAL A 20 13.51 18.22 -12.48
C VAL A 20 13.55 19.68 -12.91
N GLY A 21 14.64 20.10 -13.52
CA GLY A 21 14.72 21.48 -13.99
C GLY A 21 13.65 21.77 -15.02
N GLN A 22 13.50 20.87 -15.99
CA GLN A 22 12.51 21.02 -17.04
C GLN A 22 11.11 21.00 -16.48
N CYS A 23 10.86 20.11 -15.51
CA CYS A 23 9.58 20.07 -14.82
C CYS A 23 9.29 21.44 -14.20
N LEU A 24 10.22 21.92 -13.37
CA LEU A 24 9.99 23.19 -12.67
C LEU A 24 9.88 24.35 -13.64
N GLU A 25 10.67 24.36 -14.72
CA GLU A 25 10.53 25.44 -15.72
C GLU A 25 9.12 25.48 -16.33
N SER A 26 8.48 24.32 -16.49
CA SER A 26 7.13 24.30 -17.04
C SER A 26 6.14 24.82 -16.04
N VAL A 27 6.50 24.90 -14.77
CA VAL A 27 5.57 25.38 -13.75
C VAL A 27 5.79 26.85 -13.46
N LEU A 28 7.05 27.26 -13.22
CA LEU A 28 7.34 28.65 -12.90
C LEU A 28 7.05 29.56 -14.08
N SER A 29 7.10 29.03 -15.30
CA SER A 29 6.83 29.86 -16.47
C SER A 29 5.36 30.16 -16.63
N GLN A 30 4.47 29.44 -15.91
CA GLN A 30 3.02 29.60 -16.08
C GLN A 30 2.59 31.01 -15.72
N GLN A 31 2.03 31.73 -16.69
CA GLN A 31 1.52 33.09 -16.52
C GLN A 31 0.05 33.11 -16.08
N GLY A 32 -0.35 34.18 -15.41
CA GLY A 32 -1.74 34.47 -15.15
C GLY A 32 -2.29 33.94 -13.85
N VAL A 33 -1.44 33.33 -13.02
CA VAL A 33 -1.85 32.66 -11.80
C VAL A 33 -0.81 32.92 -10.73
N SER A 34 -1.24 32.78 -9.49
CA SER A 34 -0.29 32.69 -8.39
C SER A 34 -0.18 31.22 -8.04
N THR A 35 1.04 30.73 -7.98
CA THR A 35 1.30 29.29 -7.86
C THR A 35 2.24 29.03 -6.67
N GLU A 36 1.87 28.06 -5.87
CA GLU A 36 2.69 27.51 -4.79
C GLU A 36 3.25 26.22 -5.35
N ILE A 37 4.53 25.95 -5.09
CA ILE A 37 5.11 24.66 -5.49
C ILE A 37 5.57 23.96 -4.22
N ILE A 38 5.21 22.67 -4.08
CA ILE A 38 5.72 21.87 -2.97
C ILE A 38 6.45 20.70 -3.56
N VAL A 39 7.78 20.67 -3.36
CA VAL A 39 8.59 19.56 -3.82
C VAL A 39 8.76 18.62 -2.63
N VAL A 40 8.34 17.36 -2.80
CA VAL A 40 8.40 16.38 -1.72
C VAL A 40 9.44 15.37 -2.14
N ASP A 41 10.68 15.62 -1.67
CA ASP A 41 11.83 14.82 -2.03
C ASP A 41 12.05 13.70 -1.00
N GLY A 42 12.30 12.49 -1.49
CA GLY A 42 12.46 11.35 -0.59
C GLY A 42 13.86 11.06 -0.09
N GLY A 43 14.72 12.06 -0.14
CA GLY A 43 16.10 12.00 0.32
C GLY A 43 17.10 11.80 -0.81
N SER A 44 16.93 12.54 -1.90
CA SER A 44 17.81 12.40 -3.07
C SER A 44 19.24 12.74 -2.69
N PRO A 45 20.20 11.89 -3.03
CA PRO A 45 21.63 12.20 -2.83
C PRO A 45 22.32 12.87 -4.03
N ASP A 46 21.57 13.12 -5.11
CA ASP A 46 22.12 13.65 -6.34
C ASP A 46 21.92 15.18 -6.37
N ALA A 47 21.85 15.76 -7.56
CA ALA A 47 21.79 17.23 -7.66
C ALA A 47 20.37 17.77 -7.48
N THR A 48 19.39 16.90 -7.20
CA THR A 48 17.99 17.32 -7.19
C THR A 48 17.77 18.55 -6.34
N ILE A 49 18.18 18.47 -5.08
CA ILE A 49 17.89 19.58 -4.16
C ILE A 49 18.53 20.88 -4.68
N SER A 50 19.78 20.81 -5.13
CA SER A 50 20.45 22.03 -5.62
C SER A 50 19.70 22.61 -6.82
N ILE A 51 19.23 21.75 -7.72
CA ILE A 51 18.55 22.21 -8.92
C ILE A 51 17.24 22.86 -8.53
N VAL A 52 16.48 22.21 -7.64
CA VAL A 52 15.22 22.80 -7.16
C VAL A 52 15.48 24.17 -6.57
N GLN A 53 16.59 24.30 -5.86
CA GLN A 53 16.99 25.59 -5.29
C GLN A 53 17.43 26.63 -6.32
N SER A 54 17.72 26.24 -7.56
CA SER A 54 18.11 27.15 -8.63
C SER A 54 16.93 27.95 -9.22
N PHE A 55 15.71 27.60 -8.83
CA PHE A 55 14.51 28.30 -9.27
C PHE A 55 14.07 29.34 -8.27
N SER A 56 13.27 30.30 -8.74
CA SER A 56 12.60 31.23 -7.84
C SER A 56 11.91 30.51 -6.68
N SER A 57 12.34 30.88 -5.46
CA SER A 57 11.96 30.19 -4.25
C SER A 57 10.81 30.87 -3.49
N THR A 58 10.32 31.99 -3.99
CA THR A 58 9.30 32.76 -3.29
C THR A 58 8.15 31.87 -2.83
N ASN A 59 7.65 31.10 -3.73
CA ASN A 59 6.50 30.27 -3.40
C ASN A 59 6.82 28.80 -3.47
N LEU A 60 8.05 28.41 -3.19
CA LEU A 60 8.47 27.02 -3.32
C LEU A 60 8.92 26.47 -1.98
N THR A 61 8.33 25.36 -1.56
CA THR A 61 8.65 24.65 -0.34
C THR A 61 9.34 23.37 -0.73
N ILE A 62 10.46 23.08 -0.06
CA ILE A 62 11.13 21.80 -0.21
C ILE A 62 10.97 20.99 1.07
N ILE A 63 10.36 19.82 0.95
CA ILE A 63 10.37 18.75 1.95
C ILE A 63 11.40 17.75 1.48
N SER A 64 12.35 17.36 2.34
CA SER A 64 13.36 16.38 1.92
C SER A 64 13.58 15.46 3.12
N GLU A 65 13.02 14.27 3.02
CA GLU A 65 13.04 13.32 4.12
C GLU A 65 12.52 12.01 3.58
N PRO A 66 12.88 10.90 4.24
CA PRO A 66 12.43 9.59 3.75
C PRO A 66 10.93 9.49 3.73
N ASP A 67 10.44 8.72 2.78
CA ASP A 67 9.00 8.43 2.70
C ASP A 67 8.78 7.00 2.25
N ARG A 68 7.50 6.59 2.30
CA ARG A 68 7.08 5.25 1.91
C ARG A 68 6.73 5.15 0.45
N GLY A 69 7.14 6.12 -0.36
CA GLY A 69 6.95 6.03 -1.80
C GLY A 69 6.21 7.23 -2.39
N ILE A 70 6.01 7.16 -3.70
CA ILE A 70 5.43 8.28 -4.46
C ILE A 70 4.16 8.80 -3.80
N TYR A 71 3.22 7.88 -3.46
CA TYR A 71 1.92 8.36 -3.02
C TYR A 71 2.00 8.86 -1.60
N ASP A 72 2.93 8.37 -0.78
CA ASP A 72 3.17 8.97 0.52
C ASP A 72 3.64 10.41 0.35
N ALA A 73 4.59 10.61 -0.54
CA ALA A 73 5.11 11.95 -0.83
C ALA A 73 4.00 12.86 -1.32
N ILE A 74 3.18 12.38 -2.28
CA ILE A 74 2.02 13.15 -2.75
C ILE A 74 1.13 13.51 -1.56
N ASN A 75 0.81 12.53 -0.69
CA ASN A 75 -0.04 12.88 0.45
C ASN A 75 0.54 13.99 1.31
N LYS A 76 1.87 13.95 1.57
CA LYS A 76 2.47 14.99 2.40
C LYS A 76 2.29 16.37 1.73
N GLY A 77 2.47 16.41 0.40
CA GLY A 77 2.33 17.66 -0.34
C GLY A 77 0.90 18.16 -0.37
N VAL A 78 -0.04 17.26 -0.67
CA VAL A 78 -1.43 17.66 -0.70
C VAL A 78 -1.85 18.19 0.65
N SER A 79 -1.42 17.53 1.73
CA SER A 79 -1.80 17.96 3.05
C SER A 79 -1.33 19.34 3.39
N ARG A 80 -0.25 19.79 2.78
CA ARG A 80 0.26 21.11 3.10
C ARG A 80 -0.24 22.18 2.15
N ALA A 81 -0.88 21.76 1.08
CA ALA A 81 -1.20 22.68 -0.04
C ALA A 81 -2.13 23.80 0.40
N GLN A 82 -1.86 25.01 -0.09
CA GLN A 82 -2.70 26.17 0.20
C GLN A 82 -3.43 26.68 -1.03
N GLY A 83 -3.20 26.10 -2.20
CA GLY A 83 -3.80 26.62 -3.42
C GLY A 83 -5.26 26.22 -3.57
N GLY A 84 -5.96 26.93 -4.46
CA GLY A 84 -7.37 26.64 -4.64
C GLY A 84 -7.59 25.36 -5.39
N MET A 85 -6.74 25.08 -6.36
CA MET A 85 -6.72 23.81 -7.06
C MET A 85 -5.31 23.23 -6.91
N ILE A 86 -5.23 21.91 -6.77
CA ILE A 86 -3.98 21.21 -6.49
C ILE A 86 -3.71 20.23 -7.60
N GLY A 87 -2.56 20.36 -8.22
CA GLY A 87 -2.10 19.44 -9.24
C GLY A 87 -0.86 18.68 -8.76
N VAL A 88 -0.61 17.53 -9.39
CA VAL A 88 0.54 16.69 -9.07
C VAL A 88 1.25 16.44 -10.38
N LEU A 89 2.54 16.76 -10.41
CA LEU A 89 3.41 16.64 -11.56
C LEU A 89 4.60 15.77 -11.16
N GLY A 90 4.88 14.72 -11.93
CA GLY A 90 6.16 14.04 -11.77
C GLY A 90 7.30 14.79 -12.43
N ALA A 91 8.52 14.49 -12.01
CA ALA A 91 9.64 15.27 -12.50
C ALA A 91 9.94 15.03 -13.98
N ASP A 92 9.44 13.96 -14.58
CA ASP A 92 9.63 13.68 -16.00
C ASP A 92 8.53 14.30 -16.87
N ASP A 93 7.62 15.03 -16.24
CA ASP A 93 6.43 15.61 -16.86
C ASP A 93 6.60 17.11 -17.04
N VAL A 94 5.83 17.68 -17.96
CA VAL A 94 5.79 19.13 -18.09
C VAL A 94 4.34 19.55 -18.27
N TYR A 95 3.98 20.67 -17.67
CA TYR A 95 2.73 21.33 -18.02
C TYR A 95 2.95 22.12 -19.31
N LYS A 96 1.92 22.16 -20.12
CA LYS A 96 2.00 22.97 -21.34
C LYS A 96 1.72 24.43 -21.04
N PRO A 97 2.11 25.33 -21.95
CA PRO A 97 1.92 26.75 -21.67
C PRO A 97 0.45 27.06 -21.43
N ASN A 98 0.24 27.99 -20.51
CA ASN A 98 -1.05 28.57 -20.18
C ASN A 98 -1.99 27.60 -19.49
N VAL A 99 -1.55 26.36 -19.19
CA VAL A 99 -2.44 25.37 -18.59
C VAL A 99 -2.94 25.85 -17.23
N LEU A 100 -2.08 26.47 -16.41
CA LEU A 100 -2.57 26.80 -15.08
C LEU A 100 -3.63 27.91 -15.11
N SER A 101 -3.46 28.91 -16.00
CA SER A 101 -4.52 29.90 -16.21
C SER A 101 -5.79 29.25 -16.72
N VAL A 102 -5.66 28.24 -17.59
CA VAL A 102 -6.85 27.54 -18.05
C VAL A 102 -7.55 26.81 -16.90
N VAL A 103 -6.79 26.21 -15.97
CA VAL A 103 -7.41 25.60 -14.80
C VAL A 103 -8.13 26.62 -13.96
N LYS A 104 -7.48 27.77 -13.70
CA LYS A 104 -8.12 28.80 -12.88
C LYS A 104 -9.41 29.28 -13.54
N GLU A 105 -9.37 29.55 -14.84
CA GLU A 105 -10.57 29.99 -15.56
C GLU A 105 -11.66 28.93 -15.47
N ASN A 106 -11.31 27.67 -15.68
CA ASN A 106 -12.32 26.63 -15.73
C ASN A 106 -12.82 26.23 -14.35
N ALA A 107 -12.11 26.59 -13.29
CA ALA A 107 -12.54 26.34 -11.92
C ALA A 107 -13.40 27.46 -11.34
N SER A 108 -13.66 28.51 -12.09
CA SER A 108 -14.25 29.74 -11.55
C SER A 108 -15.71 29.57 -11.12
N ARG A 109 -16.41 28.55 -11.58
CA ARG A 109 -17.79 28.35 -11.14
C ARG A 109 -17.89 27.34 -10.00
N GLY A 110 -16.74 26.90 -9.47
CA GLY A 110 -16.71 26.04 -8.30
C GLY A 110 -16.66 24.56 -8.59
N VAL A 111 -16.31 24.14 -9.81
CA VAL A 111 -16.14 22.71 -10.01
C VAL A 111 -15.00 22.22 -9.13
N GLU A 112 -15.07 20.94 -8.72
CA GLU A 112 -14.11 20.43 -7.77
C GLU A 112 -12.90 19.80 -8.41
N ILE A 113 -13.04 19.29 -9.62
CA ILE A 113 -11.94 18.70 -10.37
C ILE A 113 -11.98 19.33 -11.76
N VAL A 114 -10.82 19.78 -12.22
CA VAL A 114 -10.63 20.19 -13.60
C VAL A 114 -9.56 19.28 -14.16
N ALA A 115 -9.87 18.53 -15.21
CA ALA A 115 -8.89 17.60 -15.80
C ALA A 115 -8.75 17.95 -17.29
N GLY A 116 -7.58 17.66 -17.82
CA GLY A 116 -7.29 17.93 -19.19
C GLY A 116 -6.75 16.70 -19.85
N LEU A 117 -6.30 16.84 -21.09
CA LEU A 117 -5.74 15.74 -21.87
C LEU A 117 -4.25 15.58 -21.58
N THR A 118 -3.71 14.43 -21.99
CA THR A 118 -2.33 14.06 -21.72
C THR A 118 -1.71 13.62 -23.04
N LEU A 119 -0.53 14.11 -23.33
CA LEU A 119 0.19 13.72 -24.54
C LEU A 119 1.31 12.77 -24.09
N ILE A 120 1.28 11.54 -24.61
CA ILE A 120 2.21 10.48 -24.20
C ILE A 120 2.89 9.98 -25.45
N ASP A 121 4.21 10.13 -25.50
CA ASP A 121 5.01 9.73 -26.66
C ASP A 121 4.39 10.27 -27.95
N GLY A 122 3.86 11.49 -27.86
CA GLY A 122 3.35 12.16 -29.06
C GLY A 122 1.92 11.75 -29.42
N GLN A 123 1.25 10.95 -28.60
CA GLN A 123 -0.12 10.59 -28.89
C GLN A 123 -1.01 10.96 -27.72
N LEU A 124 -2.27 11.23 -27.99
CA LEU A 124 -3.15 11.54 -26.87
C LEU A 124 -3.51 10.28 -26.11
N ARG A 125 -3.47 10.37 -24.78
CA ARG A 125 -4.00 9.32 -23.91
C ARG A 125 -5.48 9.08 -24.22
N ALA A 126 -5.84 7.81 -24.26
CA ALA A 126 -7.18 7.36 -24.64
C ALA A 126 -8.07 7.48 -23.42
N ASP A 127 -8.58 8.68 -23.19
CA ASP A 127 -9.31 8.95 -21.95
C ASP A 127 -10.75 8.40 -22.04
N GLU A 128 -11.32 8.14 -20.87
CA GLU A 128 -12.71 7.75 -20.68
C GLU A 128 -13.43 8.85 -19.93
N GLN A 129 -14.77 8.83 -20.01
CA GLN A 129 -15.56 9.79 -19.24
C GLN A 129 -15.50 9.51 -17.75
N TYR A 130 -15.51 10.60 -16.97
CA TYR A 130 -15.71 10.59 -15.53
C TYR A 130 -17.19 10.38 -15.30
N ARG A 131 -17.53 9.13 -14.90
CA ARG A 131 -18.90 8.68 -14.74
C ARG A 131 -18.81 7.28 -14.15
N PRO A 132 -19.92 6.66 -13.78
CA PRO A 132 -19.84 5.31 -13.18
C PRO A 132 -19.18 4.28 -14.05
N ALA A 133 -19.26 4.42 -15.38
CA ALA A 133 -18.56 3.47 -16.23
C ALA A 133 -17.05 3.41 -15.94
N ALA A 134 -16.44 4.46 -15.39
CA ALA A 134 -15.02 4.42 -15.07
C ALA A 134 -14.74 3.44 -13.93
N LEU A 135 -15.77 3.11 -13.14
CA LEU A 135 -15.59 2.25 -11.97
C LEU A 135 -15.32 0.78 -12.30
N ILE A 136 -15.45 0.39 -13.58
CA ILE A 136 -15.07 -0.95 -13.99
C ILE A 136 -13.87 -0.81 -14.91
N SER A 137 -13.14 0.29 -14.78
CA SER A 137 -11.97 0.52 -15.62
C SER A 137 -10.85 1.04 -14.72
N GLY A 138 -9.92 1.76 -15.31
CA GLY A 138 -8.88 2.45 -14.54
C GLY A 138 -9.19 3.93 -14.37
N ILE A 139 -8.12 4.73 -14.30
CA ILE A 139 -8.29 6.17 -14.15
C ILE A 139 -8.72 6.77 -15.47
N PRO A 140 -9.78 7.56 -15.50
CA PRO A 140 -10.38 7.97 -16.81
C PRO A 140 -9.59 9.04 -17.55
N PHE A 141 -8.77 9.78 -16.83
CA PHE A 141 -7.88 10.80 -17.39
C PHE A 141 -6.51 10.59 -16.73
N GLY A 142 -5.48 11.22 -17.28
CA GLY A 142 -4.16 11.11 -16.68
C GLY A 142 -4.13 11.82 -15.34
N HIS A 143 -3.52 11.19 -14.35
CA HIS A 143 -3.54 11.82 -13.03
C HIS A 143 -2.78 13.14 -13.03
N ASN A 144 -1.71 13.23 -13.81
N ASN A 144 -1.71 13.24 -13.80
CA ASN A 144 -0.93 14.46 -13.90
CA ASN A 144 -0.96 14.49 -13.84
C ASN A 144 -1.58 15.52 -14.78
C ASN A 144 -1.72 15.59 -14.57
N ALA A 145 -2.80 15.26 -15.26
CA ALA A 145 -3.59 16.24 -16.01
C ALA A 145 -4.76 16.65 -15.16
N MET A 146 -4.77 16.21 -13.89
CA MET A 146 -5.87 16.45 -12.96
C MET A 146 -5.52 17.53 -11.97
N PHE A 147 -6.48 18.41 -11.70
CA PHE A 147 -6.42 19.40 -10.65
C PHE A 147 -7.66 19.26 -9.80
N ALA A 148 -7.46 19.18 -8.48
CA ALA A 148 -8.56 18.98 -7.57
C ALA A 148 -8.53 20.05 -6.51
N SER A 149 -9.72 20.43 -6.08
CA SER A 149 -9.77 21.50 -5.10
C SER A 149 -9.47 21.02 -3.68
N GLN A 150 -9.22 21.97 -2.79
CA GLN A 150 -9.11 21.63 -1.38
C GLN A 150 -10.28 20.78 -0.91
N GLU A 151 -11.50 21.21 -1.28
CA GLU A 151 -12.69 20.51 -0.84
C GLU A 151 -12.76 19.12 -1.42
N ALA A 152 -12.36 18.93 -2.68
CA ALA A 152 -12.34 17.58 -3.23
C ALA A 152 -11.45 16.67 -2.40
N TYR A 153 -10.23 17.15 -2.06
CA TYR A 153 -9.36 16.33 -1.22
C TYR A 153 -9.91 16.14 0.18
N ARG A 154 -10.53 17.16 0.75
CA ARG A 154 -11.11 16.97 2.07
C ARG A 154 -12.19 15.90 2.05
N LYS A 155 -13.01 15.90 1.00
CA LYS A 155 -14.12 14.93 0.96
C LYS A 155 -13.63 13.54 0.63
N VAL A 156 -12.77 13.43 -0.36
CA VAL A 156 -12.32 12.12 -0.80
C VAL A 156 -11.30 11.56 0.17
N GLY A 157 -10.35 12.38 0.60
CA GLY A 157 -9.26 11.93 1.47
C GLY A 157 -7.97 11.72 0.69
N LEU A 158 -7.07 10.92 1.27
CA LEU A 158 -5.73 10.83 0.71
C LEU A 158 -5.58 9.57 -0.13
N TYR A 159 -4.43 9.46 -0.77
CA TYR A 159 -4.14 8.31 -1.63
C TYR A 159 -3.81 7.12 -0.75
N ASP A 160 -4.32 5.96 -1.16
CA ASP A 160 -4.20 4.73 -0.38
C ASP A 160 -2.87 4.07 -0.70
N LEU A 161 -1.98 4.04 0.29
CA LEU A 161 -0.62 3.55 0.07
C LEU A 161 -0.57 2.07 -0.25
N ALA A 162 -1.68 1.31 -0.04
CA ALA A 162 -1.67 -0.10 -0.40
C ALA A 162 -1.53 -0.28 -1.90
N TYR A 163 -1.87 0.73 -2.68
CA TYR A 163 -1.80 0.63 -4.13
C TYR A 163 -0.53 1.37 -4.54
N ARG A 164 0.49 0.65 -5.00
CA ARG A 164 1.72 1.33 -5.41
C ARG A 164 1.71 1.77 -6.86
N ILE A 165 0.79 1.24 -7.65
CA ILE A 165 0.66 1.57 -9.05
C ILE A 165 -0.64 2.35 -9.30
N CYS A 166 -1.75 1.89 -8.75
CA CYS A 166 -3.06 2.41 -9.16
C CYS A 166 -3.73 3.25 -8.09
N ALA A 167 -2.98 3.76 -7.10
CA ALA A 167 -3.63 4.65 -6.12
C ALA A 167 -4.28 5.85 -6.76
N ASP A 168 -3.72 6.31 -7.89
CA ASP A 168 -4.36 7.42 -8.61
C ASP A 168 -5.77 7.04 -9.05
N ALA A 169 -5.93 5.88 -9.70
CA ALA A 169 -7.25 5.42 -10.12
C ALA A 169 -8.19 5.27 -8.94
N GLU A 170 -7.71 4.65 -7.88
CA GLU A 170 -8.55 4.41 -6.73
C GLU A 170 -9.06 5.69 -6.11
N TRP A 171 -8.24 6.73 -6.08
CA TRP A 171 -8.70 8.04 -5.60
C TRP A 171 -9.77 8.62 -6.50
N VAL A 172 -9.57 8.60 -7.82
CA VAL A 172 -10.59 9.15 -8.70
C VAL A 172 -11.89 8.32 -8.64
N HIS A 173 -11.79 6.98 -8.45
CA HIS A 173 -13.00 6.17 -8.30
C HIS A 173 -13.73 6.61 -7.04
N ARG A 174 -12.99 6.87 -5.94
CA ARG A 174 -13.64 7.41 -4.75
C ARG A 174 -14.30 8.75 -5.03
N ALA A 175 -13.66 9.61 -5.82
CA ALA A 175 -14.28 10.90 -6.16
C ALA A 175 -15.61 10.69 -6.89
N ILE A 176 -15.63 9.77 -7.85
CA ILE A 176 -16.86 9.48 -8.59
C ILE A 176 -17.93 8.97 -7.66
N LYS A 177 -17.54 8.08 -6.71
CA LYS A 177 -18.51 7.49 -5.82
C LYS A 177 -19.04 8.52 -4.86
N SER A 178 -18.25 9.54 -4.58
CA SER A 178 -18.63 10.60 -3.67
C SER A 178 -19.35 11.76 -4.40
N ASP A 179 -19.57 11.62 -5.71
CA ASP A 179 -20.26 12.64 -6.53
C ASP A 179 -19.49 13.99 -6.53
N ILE A 180 -18.16 13.90 -6.54
CA ILE A 180 -17.31 15.08 -6.72
C ILE A 180 -17.51 15.61 -8.14
N SER A 181 -17.70 16.91 -8.28
CA SER A 181 -17.99 17.45 -9.61
C SER A 181 -16.69 17.54 -10.41
N CYS A 182 -16.79 17.38 -11.74
CA CYS A 182 -15.62 17.36 -12.59
C CYS A 182 -15.94 18.03 -13.92
N ARG A 183 -14.97 18.78 -14.42
CA ARG A 183 -15.01 19.43 -15.71
C ARG A 183 -13.81 18.95 -16.50
N LYS A 184 -14.06 18.34 -17.65
CA LYS A 184 -13.00 17.85 -18.52
C LYS A 184 -12.76 18.91 -19.60
N VAL A 185 -11.50 19.30 -19.77
CA VAL A 185 -11.10 20.32 -20.76
C VAL A 185 -10.37 19.61 -21.89
N GLU A 186 -10.78 19.86 -23.13
CA GLU A 186 -10.23 19.13 -24.28
C GLU A 186 -9.01 19.87 -24.80
N GLN A 187 -8.01 19.97 -23.91
CA GLN A 187 -6.76 20.60 -24.29
C GLN A 187 -5.69 19.79 -23.59
N VAL A 188 -4.53 19.67 -24.19
CA VAL A 188 -3.42 18.98 -23.49
C VAL A 188 -2.93 19.82 -22.31
N PHE A 189 -2.97 19.22 -21.10
CA PHE A 189 -2.41 19.84 -19.93
C PHE A 189 -0.96 19.41 -19.66
N VAL A 190 -0.64 18.16 -19.98
CA VAL A 190 0.64 17.58 -19.56
C VAL A 190 1.19 16.75 -20.69
N GLU A 191 2.51 16.75 -20.82
CA GLU A 191 3.23 15.96 -21.81
C GLU A 191 4.26 15.12 -21.06
N PHE A 192 4.39 13.86 -21.48
CA PHE A 192 5.62 13.16 -21.17
C PHE A 192 5.91 12.06 -22.18
N GLY A 193 7.08 11.45 -21.98
CA GLY A 193 7.51 10.25 -22.68
C GLY A 193 7.97 9.13 -21.73
N ASN A 201 5.87 -4.45 -14.44
CA ASN A 201 5.43 -5.84 -14.61
C ASN A 201 3.92 -5.85 -14.84
N PRO A 202 3.50 -6.31 -16.02
CA PRO A 202 2.08 -6.16 -16.39
C PRO A 202 1.13 -6.89 -15.45
N GLU A 203 1.55 -8.02 -14.89
CA GLU A 203 0.70 -8.77 -14.00
C GLU A 203 0.43 -8.03 -12.71
N GLU A 204 1.41 -7.24 -12.24
CA GLU A 204 1.19 -6.43 -11.04
C GLU A 204 0.22 -5.32 -11.30
N ILE A 205 0.37 -4.68 -12.47
CA ILE A 205 -0.54 -3.62 -12.85
C ILE A 205 -1.94 -4.19 -12.96
N ILE A 206 -2.07 -5.34 -13.61
CA ILE A 206 -3.42 -5.90 -13.79
C ILE A 206 -3.99 -6.28 -12.45
N ALA A 207 -3.16 -6.89 -11.59
CA ALA A 207 -3.59 -7.25 -10.25
C ALA A 207 -4.09 -6.03 -9.50
N GLU A 208 -3.36 -4.89 -9.57
CA GLU A 208 -3.83 -3.72 -8.83
C GLU A 208 -5.10 -3.19 -9.46
N ALA A 209 -5.17 -3.13 -10.77
CA ALA A 209 -6.33 -2.55 -11.41
C ALA A 209 -7.59 -3.38 -11.08
N CYS A 210 -7.45 -4.71 -11.03
CA CYS A 210 -8.59 -5.54 -10.70
C CYS A 210 -9.00 -5.30 -9.27
N SER A 211 -8.00 -5.13 -8.38
CA SER A 211 -8.27 -4.88 -6.97
C SER A 211 -9.02 -3.57 -6.80
N VAL A 212 -8.59 -2.53 -7.53
CA VAL A 212 -9.28 -1.24 -7.46
C VAL A 212 -10.76 -1.39 -7.86
N ILE A 213 -11.02 -2.14 -8.94
CA ILE A 213 -12.41 -2.35 -9.37
C ILE A 213 -13.19 -3.11 -8.31
N GLN A 214 -12.58 -4.13 -7.70
CA GLN A 214 -13.26 -4.84 -6.62
C GLN A 214 -13.50 -3.98 -5.40
N ARG A 215 -12.74 -2.91 -5.24
CA ARG A 215 -13.04 -2.00 -4.15
C ARG A 215 -14.31 -1.25 -4.42
N ASN A 216 -14.67 -1.07 -5.69
CA ASN A 216 -15.93 -0.48 -5.99
C ASN A 216 -17.06 -1.50 -5.91
N PHE A 217 -16.77 -2.73 -6.36
CA PHE A 217 -17.78 -3.80 -6.51
C PHE A 217 -17.26 -5.08 -5.88
N PRO A 218 -17.35 -5.20 -4.57
CA PRO A 218 -16.67 -6.30 -3.86
C PRO A 218 -17.21 -7.69 -4.11
N PHE A 219 -18.37 -7.78 -4.77
CA PHE A 219 -18.94 -9.08 -5.13
C PHE A 219 -18.25 -9.69 -6.33
N LEU A 220 -17.45 -8.93 -7.06
CA LEU A 220 -16.79 -9.47 -8.25
C LEU A 220 -15.62 -10.38 -7.87
N LEU A 221 -15.48 -11.49 -8.61
CA LEU A 221 -14.21 -12.20 -8.59
C LEU A 221 -13.14 -11.41 -9.35
N LYS A 222 -11.86 -11.71 -9.03
CA LYS A 222 -10.79 -11.01 -9.73
C LYS A 222 -10.91 -11.18 -11.23
N GLU A 223 -11.24 -12.38 -11.68
CA GLU A 223 -11.29 -12.64 -13.12
C GLU A 223 -12.46 -11.90 -13.77
N GLU A 224 -13.53 -11.66 -13.04
CA GLU A 224 -14.64 -10.87 -13.56
C GLU A 224 -14.30 -9.39 -13.61
N ALA A 225 -13.62 -8.87 -12.61
CA ALA A 225 -13.08 -7.53 -12.70
C ALA A 225 -12.17 -7.38 -13.91
N LYS A 226 -11.36 -8.41 -14.18
CA LYS A 226 -10.44 -8.34 -15.32
C LYS A 226 -11.22 -8.33 -16.65
N TYR A 227 -12.20 -9.20 -16.75
CA TYR A 227 -13.02 -9.26 -17.95
C TYR A 227 -13.65 -7.90 -18.24
N LEU A 228 -14.21 -7.26 -17.19
CA LEU A 228 -14.84 -5.98 -17.38
C LEU A 228 -13.85 -4.89 -17.80
N LEU A 229 -12.71 -4.86 -17.14
CA LEU A 229 -11.66 -3.91 -17.52
C LEU A 229 -11.25 -4.11 -18.97
N TYR A 230 -10.98 -5.36 -19.34
CA TYR A 230 -10.53 -5.57 -20.70
C TYR A 230 -11.64 -5.26 -21.69
N GLY A 231 -12.89 -5.52 -21.31
CA GLY A 231 -13.99 -5.22 -22.21
C GLY A 231 -14.16 -3.74 -22.45
N VAL A 232 -14.08 -2.94 -21.39
CA VAL A 232 -14.32 -1.51 -21.58
C VAL A 232 -13.17 -0.89 -22.33
N ARG A 233 -11.95 -1.37 -22.09
CA ARG A 233 -10.79 -0.80 -22.76
C ARG A 233 -10.64 -1.32 -24.17
N GLY A 234 -11.46 -2.31 -24.56
CA GLY A 234 -11.28 -2.91 -25.86
C GLY A 234 -10.18 -3.93 -25.97
N TRP A 235 -9.63 -4.40 -24.87
CA TRP A 235 -8.61 -5.42 -24.99
C TRP A 235 -9.17 -6.83 -25.05
N GLY A 236 -10.44 -7.01 -24.68
CA GLY A 236 -11.04 -8.33 -24.64
C GLY A 236 -12.47 -8.29 -25.13
N GLU A 237 -13.04 -9.50 -25.29
CA GLU A 237 -14.39 -9.66 -25.81
C GLU A 237 -15.43 -9.34 -24.74
N THR A 238 -16.70 -9.27 -25.18
CA THR A 238 -17.75 -8.77 -24.30
C THR A 238 -18.97 -9.71 -24.26
N SER A 239 -18.88 -10.92 -24.79
CA SER A 239 -20.11 -11.73 -24.86
C SER A 239 -20.58 -12.23 -23.49
N ARG A 240 -19.77 -12.07 -22.44
CA ARG A 240 -20.16 -12.44 -21.08
C ARG A 240 -20.65 -11.26 -20.25
N ILE A 241 -20.65 -10.04 -20.80
CA ILE A 241 -21.11 -8.88 -20.01
C ILE A 241 -22.53 -9.08 -19.51
N GLU A 242 -23.43 -9.53 -20.38
CA GLU A 242 -24.84 -9.72 -20.01
C GLU A 242 -24.94 -10.74 -18.88
N GLN A 243 -24.16 -11.82 -18.96
CA GLN A 243 -24.14 -12.83 -17.90
C GLN A 243 -23.70 -12.23 -16.56
N ILE A 244 -22.63 -11.42 -16.59
CA ILE A 244 -22.15 -10.74 -15.39
C ILE A 244 -23.21 -9.82 -14.86
N LEU A 245 -23.86 -9.11 -15.75
CA LEU A 245 -24.93 -8.20 -15.35
C LEU A 245 -26.07 -8.95 -14.66
N ARG A 246 -26.46 -10.08 -15.20
CA ARG A 246 -27.55 -10.85 -14.57
C ARG A 246 -27.10 -11.40 -13.22
N LYS A 247 -25.84 -11.79 -13.15
CA LYS A 247 -25.33 -12.40 -11.94
C LYS A 247 -25.35 -11.43 -10.78
N TYR A 248 -25.04 -10.15 -11.02
CA TYR A 248 -24.77 -9.27 -9.90
C TYR A 248 -25.65 -8.03 -9.92
N GLY A 249 -26.48 -7.87 -10.93
CA GLY A 249 -27.27 -6.66 -11.04
C GLY A 249 -28.02 -6.34 -9.77
N HIS A 250 -28.53 -7.37 -9.11
CA HIS A 250 -29.30 -7.15 -7.90
C HIS A 250 -28.48 -6.56 -6.79
N GLU A 251 -27.16 -6.66 -6.86
CA GLU A 251 -26.32 -6.17 -5.76
C GLU A 251 -26.29 -4.63 -5.72
N SER A 252 -26.41 -3.98 -6.86
CA SER A 252 -25.97 -2.60 -6.88
C SER A 252 -26.46 -1.86 -8.11
N VAL A 253 -27.27 -0.84 -7.90
CA VAL A 253 -27.72 0.00 -9.01
C VAL A 253 -26.51 0.72 -9.63
N LEU A 254 -25.54 1.11 -8.81
CA LEU A 254 -24.33 1.71 -9.38
C LEU A 254 -23.66 0.78 -10.38
N PHE A 255 -23.59 -0.50 -10.06
CA PHE A 255 -22.98 -1.46 -10.96
C PHE A 255 -23.77 -1.59 -12.24
N VAL A 256 -25.10 -1.67 -12.15
CA VAL A 256 -25.94 -1.73 -13.36
C VAL A 256 -25.70 -0.48 -14.20
N THR A 257 -25.65 0.67 -13.54
CA THR A 257 -25.40 1.93 -14.25
C THR A 257 -24.07 1.93 -14.96
N ALA A 258 -23.03 1.45 -14.27
CA ALA A 258 -21.70 1.38 -14.82
C ALA A 258 -21.68 0.51 -16.05
N LEU A 259 -22.37 -0.62 -16.01
CA LEU A 259 -22.32 -1.48 -17.19
C LEU A 259 -23.15 -0.91 -18.33
N GLN A 260 -24.29 -0.29 -18.03
CA GLN A 260 -25.09 0.17 -19.15
C GLN A 260 -24.43 1.37 -19.83
N GLU A 261 -23.66 2.15 -19.06
CA GLU A 261 -22.87 3.24 -19.64
C GLU A 261 -21.72 2.71 -20.46
N ALA A 262 -20.93 1.78 -19.89
CA ALA A 262 -19.78 1.24 -20.60
C ALA A 262 -20.17 0.52 -21.87
N PHE A 263 -21.29 -0.20 -21.83
CA PHE A 263 -21.69 -1.10 -22.89
C PHE A 263 -23.15 -0.81 -23.23
N PRO A 264 -23.42 0.26 -24.00
CA PRO A 264 -24.81 0.66 -24.16
C PRO A 264 -25.65 -0.38 -24.83
N ALA A 265 -25.06 -1.34 -25.55
CA ALA A 265 -25.87 -2.39 -26.17
C ALA A 265 -26.58 -3.25 -25.13
N VAL A 266 -26.14 -3.25 -23.85
CA VAL A 266 -26.81 -4.09 -22.85
C VAL A 266 -27.97 -3.37 -22.18
N GLU A 267 -28.45 -2.30 -22.82
CA GLU A 267 -29.49 -1.48 -22.22
C GLU A 267 -30.74 -2.29 -21.89
N THR A 268 -31.23 -3.09 -22.86
CA THR A 268 -32.48 -3.84 -22.62
C THR A 268 -32.31 -4.76 -21.40
N ALA A 269 -31.13 -5.34 -21.22
CA ALA A 269 -30.91 -6.22 -20.05
C ALA A 269 -30.75 -5.42 -18.77
N ALA A 270 -30.12 -4.23 -18.87
CA ALA A 270 -29.96 -3.38 -17.69
C ALA A 270 -31.29 -2.80 -17.23
N ALA A 271 -32.18 -2.44 -18.18
CA ALA A 271 -33.52 -2.02 -17.80
C ALA A 271 -34.20 -3.10 -16.98
N LEU A 272 -33.96 -4.35 -17.33
CA LEU A 272 -34.57 -5.45 -16.64
C LEU A 272 -34.04 -5.60 -15.23
N GLU A 273 -32.72 -5.37 -15.03
CA GLU A 273 -32.18 -5.39 -13.68
C GLU A 273 -32.77 -4.25 -12.86
N HIS A 274 -32.84 -3.02 -13.42
CA HIS A 274 -33.44 -1.89 -12.71
C HIS A 274 -34.88 -2.20 -12.33
N HIS A 275 -35.66 -2.74 -13.27
CA HIS A 275 -37.07 -2.96 -13.03
C HIS A 275 -37.28 -3.92 -11.89
N HIS A 276 -36.50 -5.02 -11.84
CA HIS A 276 -36.73 -6.01 -10.81
C HIS A 276 -36.15 -5.59 -9.46
N HIS A 277 -35.04 -4.84 -9.42
CA HIS A 277 -34.30 -4.74 -8.17
C HIS A 277 -34.15 -3.34 -7.64
N HIS A 278 -34.17 -2.32 -8.50
CA HIS A 278 -33.84 -0.96 -8.10
C HIS A 278 -34.84 0.15 -8.46
N PHE B 5 -10.42 -17.67 24.39
CA PHE B 5 -9.49 -18.50 23.64
C PHE B 5 -8.09 -18.15 24.10
N ASP B 6 -7.26 -19.17 24.31
CA ASP B 6 -5.83 -18.94 24.56
C ASP B 6 -5.15 -18.34 23.34
N ILE B 7 -5.50 -18.82 22.15
CA ILE B 7 -4.79 -18.48 20.94
C ILE B 7 -5.82 -18.16 19.87
N THR B 8 -5.53 -17.16 19.04
CA THR B 8 -6.15 -16.95 17.75
C THR B 8 -5.05 -17.14 16.71
N VAL B 9 -5.34 -17.93 15.67
CA VAL B 9 -4.47 -18.07 14.52
C VAL B 9 -5.17 -17.43 13.33
N VAL B 10 -4.51 -16.46 12.73
CA VAL B 10 -5.00 -15.76 11.54
C VAL B 10 -4.32 -16.37 10.32
N ILE B 11 -5.13 -16.77 9.35
CA ILE B 11 -4.60 -17.46 8.18
C ILE B 11 -5.10 -16.70 6.96
N PRO B 12 -4.28 -15.85 6.36
CA PRO B 12 -4.66 -15.14 5.14
C PRO B 12 -4.54 -16.12 3.99
N THR B 13 -5.56 -16.17 3.14
CA THR B 13 -5.56 -17.09 2.04
C THR B 13 -6.00 -16.41 0.75
N PHE B 14 -5.33 -16.82 -0.34
CA PHE B 14 -5.84 -16.53 -1.65
C PHE B 14 -5.40 -17.67 -2.56
N LYS B 15 -6.35 -18.46 -3.02
CA LYS B 15 -6.08 -19.63 -3.89
C LYS B 15 -5.18 -20.63 -3.18
N ALA B 16 -5.63 -21.06 -2.01
CA ALA B 16 -4.81 -21.87 -1.12
C ALA B 16 -5.29 -23.32 -1.04
N GLU B 17 -6.07 -23.76 -2.03
CA GLU B 17 -6.72 -25.06 -1.91
C GLU B 17 -5.72 -26.20 -1.74
N LYS B 18 -4.52 -26.07 -2.34
CA LYS B 18 -3.56 -27.17 -2.30
C LYS B 18 -3.13 -27.52 -0.87
N THR B 19 -2.89 -26.52 -0.03
CA THR B 19 -2.26 -26.77 1.26
C THR B 19 -3.04 -26.27 2.46
N VAL B 20 -4.20 -25.63 2.27
CA VAL B 20 -4.89 -25.04 3.41
C VAL B 20 -5.39 -26.13 4.36
N GLY B 21 -5.63 -27.34 3.87
CA GLY B 21 -6.02 -28.43 4.74
C GLY B 21 -4.92 -28.80 5.71
N GLN B 22 -3.70 -28.95 5.19
CA GLN B 22 -2.53 -29.23 6.03
C GLN B 22 -2.29 -28.11 7.04
N CYS B 23 -2.38 -26.85 6.58
CA CYS B 23 -2.22 -25.73 7.48
C CYS B 23 -3.18 -25.86 8.66
N LEU B 24 -4.47 -26.01 8.38
CA LEU B 24 -5.46 -26.08 9.44
C LEU B 24 -5.20 -27.26 10.38
N GLU B 25 -4.91 -28.42 9.81
CA GLU B 25 -4.59 -29.60 10.60
C GLU B 25 -3.45 -29.35 11.59
N SER B 26 -2.44 -28.58 11.19
CA SER B 26 -1.35 -28.29 12.13
C SER B 26 -1.82 -27.39 13.27
N VAL B 27 -2.91 -26.65 13.08
CA VAL B 27 -3.46 -25.84 14.16
C VAL B 27 -4.45 -26.65 15.01
N LEU B 28 -5.33 -27.38 14.34
CA LEU B 28 -6.36 -28.11 15.09
C LEU B 28 -5.81 -29.29 15.88
N SER B 29 -4.66 -29.86 15.51
CA SER B 29 -4.09 -30.91 16.33
C SER B 29 -3.38 -30.38 17.58
N GLN B 30 -3.27 -29.06 17.77
CA GLN B 30 -2.51 -28.52 18.90
C GLN B 30 -3.23 -28.82 20.21
N GLN B 31 -2.56 -29.52 21.11
CA GLN B 31 -3.15 -29.90 22.40
C GLN B 31 -2.81 -28.85 23.44
N GLY B 32 -3.65 -28.78 24.48
CA GLY B 32 -3.34 -27.96 25.64
C GLY B 32 -3.81 -26.52 25.58
N VAL B 33 -4.60 -26.14 24.57
CA VAL B 33 -5.04 -24.76 24.42
C VAL B 33 -6.43 -24.74 23.81
N SER B 34 -7.16 -23.64 24.05
CA SER B 34 -8.37 -23.30 23.30
C SER B 34 -7.92 -22.36 22.21
N THR B 35 -8.30 -22.65 20.97
CA THR B 35 -7.78 -21.97 19.81
C THR B 35 -8.95 -21.53 18.97
N GLU B 36 -8.87 -20.31 18.48
CA GLU B 36 -9.79 -19.77 17.50
C GLU B 36 -8.99 -19.66 16.21
N ILE B 37 -9.63 -20.00 15.09
CA ILE B 37 -9.00 -19.82 13.79
C ILE B 37 -9.79 -18.78 13.01
N ILE B 38 -9.10 -17.79 12.43
CA ILE B 38 -9.76 -16.84 11.54
C ILE B 38 -9.09 -16.94 10.19
N VAL B 39 -9.81 -17.49 9.20
CA VAL B 39 -9.29 -17.54 7.84
C VAL B 39 -9.74 -16.27 7.14
N VAL B 40 -8.80 -15.52 6.58
CA VAL B 40 -9.14 -14.29 5.89
C VAL B 40 -8.80 -14.52 4.42
N ASP B 41 -9.81 -14.87 3.64
CA ASP B 41 -9.66 -15.24 2.25
C ASP B 41 -9.94 -14.03 1.33
N GLY B 42 -9.14 -13.88 0.29
CA GLY B 42 -9.25 -12.70 -0.57
C GLY B 42 -10.19 -12.84 -1.74
N GLY B 43 -11.16 -13.75 -1.61
CA GLY B 43 -12.13 -14.05 -2.63
C GLY B 43 -11.64 -15.08 -3.61
N SER B 44 -11.17 -16.20 -3.07
CA SER B 44 -10.56 -17.21 -3.91
C SER B 44 -11.57 -17.84 -4.86
N PRO B 45 -11.18 -18.05 -6.12
CA PRO B 45 -12.07 -18.72 -7.06
C PRO B 45 -12.01 -20.24 -6.95
N ASP B 46 -11.01 -20.79 -6.25
CA ASP B 46 -10.83 -22.24 -6.22
C ASP B 46 -11.67 -22.82 -5.08
N ALA B 47 -11.30 -24.00 -4.58
CA ALA B 47 -12.06 -24.63 -3.52
C ALA B 47 -11.57 -24.26 -2.14
N THR B 48 -10.73 -23.22 -2.02
CA THR B 48 -10.18 -22.87 -0.72
C THR B 48 -11.29 -22.82 0.33
N ILE B 49 -12.36 -22.09 0.02
CA ILE B 49 -13.44 -21.88 0.98
C ILE B 49 -14.18 -23.19 1.25
N SER B 50 -14.40 -24.01 0.23
CA SER B 50 -15.01 -25.33 0.45
C SER B 50 -14.21 -26.17 1.43
N ILE B 51 -12.89 -26.15 1.28
CA ILE B 51 -12.01 -26.94 2.13
C ILE B 51 -12.05 -26.40 3.55
N VAL B 52 -11.90 -25.10 3.68
CA VAL B 52 -12.01 -24.52 5.01
C VAL B 52 -13.34 -24.91 5.64
N GLN B 53 -14.42 -24.81 4.86
CA GLN B 53 -15.76 -25.04 5.37
C GLN B 53 -15.94 -26.46 5.86
N SER B 54 -15.09 -27.39 5.40
CA SER B 54 -15.12 -28.77 5.88
C SER B 54 -14.64 -28.91 7.32
N PHE B 55 -14.03 -27.88 7.90
CA PHE B 55 -13.67 -27.80 9.31
C PHE B 55 -14.59 -26.88 10.11
N SER B 56 -15.76 -26.54 9.57
CA SER B 56 -16.73 -25.70 10.27
C SER B 56 -16.83 -26.02 11.75
N SER B 57 -16.91 -24.97 12.57
CA SER B 57 -17.00 -25.14 14.02
C SER B 57 -17.26 -23.79 14.68
N THR B 58 -17.76 -23.86 15.91
CA THR B 58 -17.93 -22.67 16.74
C THR B 58 -16.64 -21.89 16.89
N ASN B 59 -15.48 -22.53 16.67
CA ASN B 59 -14.17 -21.91 16.89
C ASN B 59 -13.47 -21.49 15.60
N LEU B 60 -14.19 -21.42 14.50
CA LEU B 60 -13.59 -21.08 13.22
C LEU B 60 -14.43 -20.02 12.54
N THR B 61 -13.79 -18.96 12.10
CA THR B 61 -14.45 -17.85 11.44
C THR B 61 -13.87 -17.78 10.04
N ILE B 62 -14.73 -17.66 9.03
CA ILE B 62 -14.25 -17.40 7.67
C ILE B 62 -14.68 -16.01 7.21
N ILE B 63 -13.72 -15.22 6.75
CA ILE B 63 -13.95 -13.99 5.97
C ILE B 63 -13.55 -14.32 4.53
N SER B 64 -14.42 -14.00 3.55
CA SER B 64 -14.00 -14.16 2.16
C SER B 64 -14.54 -12.95 1.37
N GLU B 65 -13.61 -12.09 0.99
CA GLU B 65 -13.95 -10.85 0.28
C GLU B 65 -12.66 -10.26 -0.24
N PRO B 66 -12.74 -9.45 -1.29
CA PRO B 66 -11.51 -8.85 -1.83
C PRO B 66 -10.76 -8.04 -0.80
N ASP B 67 -9.44 -8.04 -0.94
CA ASP B 67 -8.62 -7.23 -0.07
C ASP B 67 -7.46 -6.67 -0.86
N ARG B 68 -6.68 -5.87 -0.14
CA ARG B 68 -5.56 -5.12 -0.72
C ARG B 68 -4.25 -5.84 -0.50
N GLY B 69 -4.28 -7.14 -0.22
CA GLY B 69 -3.11 -7.94 -0.11
C GLY B 69 -2.98 -8.63 1.24
N ILE B 70 -1.88 -9.35 1.40
CA ILE B 70 -1.69 -10.20 2.58
C ILE B 70 -1.83 -9.41 3.87
N TYR B 71 -1.20 -8.22 3.94
CA TYR B 71 -1.21 -7.54 5.24
C TYR B 71 -2.58 -6.93 5.53
N ASP B 72 -3.32 -6.53 4.51
CA ASP B 72 -4.71 -6.07 4.71
C ASP B 72 -5.54 -7.20 5.32
N ALA B 73 -5.36 -8.42 4.79
CA ALA B 73 -6.07 -9.60 5.29
C ALA B 73 -5.67 -9.89 6.72
N ILE B 74 -4.37 -9.79 7.01
CA ILE B 74 -3.90 -10.02 8.37
C ILE B 74 -4.55 -9.01 9.31
N ASN B 75 -4.62 -7.76 8.89
CA ASN B 75 -5.22 -6.74 9.75
C ASN B 75 -6.68 -7.07 10.06
N LYS B 76 -7.44 -7.51 9.05
CA LYS B 76 -8.83 -7.87 9.30
C LYS B 76 -8.94 -8.97 10.36
N GLY B 77 -8.05 -9.95 10.31
CA GLY B 77 -8.07 -11.09 11.21
C GLY B 77 -7.65 -10.69 12.60
N VAL B 78 -6.56 -9.95 12.68
CA VAL B 78 -6.12 -9.44 13.97
C VAL B 78 -7.22 -8.62 14.62
N SER B 79 -7.91 -7.78 13.84
CA SER B 79 -8.95 -6.94 14.42
C SER B 79 -10.09 -7.76 15.00
N ARG B 80 -10.37 -8.93 14.45
CA ARG B 80 -11.47 -9.76 14.93
C ARG B 80 -11.02 -10.80 15.96
N ALA B 81 -9.74 -10.87 16.25
CA ALA B 81 -9.21 -11.93 17.12
C ALA B 81 -9.69 -11.76 18.55
N GLN B 82 -10.03 -12.88 19.18
CA GLN B 82 -10.50 -12.87 20.56
C GLN B 82 -9.56 -13.66 21.48
N GLY B 83 -8.54 -14.22 20.95
CA GLY B 83 -7.62 -15.03 21.72
C GLY B 83 -6.58 -14.20 22.41
N GLY B 84 -6.03 -14.75 23.48
CA GLY B 84 -5.05 -14.02 24.26
C GLY B 84 -3.75 -13.73 23.52
N MET B 85 -3.31 -14.67 22.71
CA MET B 85 -2.11 -14.53 21.89
C MET B 85 -2.50 -14.81 20.45
N ILE B 86 -2.00 -13.98 19.54
CA ILE B 86 -2.41 -14.01 18.14
C ILE B 86 -1.22 -14.38 17.29
N GLY B 87 -1.41 -15.43 16.52
CA GLY B 87 -0.43 -15.88 15.54
C GLY B 87 -0.96 -15.73 14.13
N VAL B 88 -0.02 -15.68 13.18
CA VAL B 88 -0.34 -15.58 11.74
C VAL B 88 0.36 -16.74 11.08
N LEU B 89 -0.38 -17.59 10.36
CA LEU B 89 0.21 -18.72 9.67
C LEU B 89 -0.25 -18.66 8.23
N GLY B 90 0.71 -18.68 7.29
CA GLY B 90 0.37 -18.84 5.88
C GLY B 90 -0.09 -20.26 5.54
N ALA B 91 -0.83 -20.38 4.42
CA ALA B 91 -1.43 -21.66 4.09
C ALA B 91 -0.40 -22.70 3.69
N ASP B 92 0.81 -22.28 3.35
CA ASP B 92 1.89 -23.22 3.04
C ASP B 92 2.79 -23.50 4.26
N ASP B 93 2.46 -23.00 5.43
CA ASP B 93 3.22 -23.16 6.67
C ASP B 93 2.51 -24.15 7.57
N VAL B 94 3.23 -24.70 8.55
CA VAL B 94 2.66 -25.57 9.59
C VAL B 94 3.28 -25.19 10.93
N TYR B 95 2.46 -25.13 11.97
CA TYR B 95 3.04 -25.13 13.31
C TYR B 95 3.50 -26.54 13.66
N LYS B 96 4.55 -26.62 14.45
CA LYS B 96 5.03 -27.89 14.95
C LYS B 96 4.22 -28.32 16.16
N PRO B 97 4.33 -29.58 16.51
CA PRO B 97 3.59 -30.10 17.67
C PRO B 97 3.94 -29.35 18.94
N ASN B 98 2.88 -29.04 19.73
CA ASN B 98 2.92 -28.54 21.10
C ASN B 98 3.32 -27.07 21.15
N VAL B 99 3.36 -26.41 20.00
CA VAL B 99 3.85 -25.04 19.97
C VAL B 99 2.89 -24.12 20.69
N LEU B 100 1.58 -24.34 20.47
CA LEU B 100 0.63 -23.41 21.05
C LEU B 100 0.61 -23.52 22.57
N SER B 101 0.82 -24.72 23.12
CA SER B 101 0.89 -24.88 24.57
C SER B 101 2.13 -24.18 25.10
N VAL B 102 3.21 -24.19 24.31
CA VAL B 102 4.43 -23.49 24.67
C VAL B 102 4.21 -21.98 24.66
N VAL B 103 3.47 -21.46 23.66
CA VAL B 103 3.11 -20.06 23.66
C VAL B 103 2.31 -19.70 24.89
N LYS B 104 1.27 -20.49 25.17
CA LYS B 104 0.44 -20.22 26.34
C LYS B 104 1.26 -20.19 27.62
N GLU B 105 2.13 -21.19 27.79
CA GLU B 105 2.99 -21.24 28.98
C GLU B 105 3.88 -20.03 29.10
N ASN B 106 4.55 -19.64 28.01
CA ASN B 106 5.47 -18.51 28.06
C ASN B 106 4.74 -17.19 28.17
N ALA B 107 3.50 -17.13 27.67
CA ALA B 107 2.67 -15.93 27.80
C ALA B 107 2.09 -15.76 29.20
N SER B 108 1.87 -16.88 29.93
CA SER B 108 1.21 -16.87 31.24
C SER B 108 1.92 -16.03 32.29
N ARG B 109 3.13 -15.61 32.01
CA ARG B 109 3.88 -14.71 32.87
C ARG B 109 3.73 -13.25 32.44
N GLY B 110 2.93 -12.96 31.42
CA GLY B 110 2.68 -11.58 31.03
C GLY B 110 3.54 -11.05 29.92
N VAL B 111 4.42 -11.85 29.35
CA VAL B 111 5.18 -11.35 28.21
C VAL B 111 4.20 -11.03 27.08
N GLU B 112 4.50 -9.99 26.30
CA GLU B 112 3.53 -9.58 25.29
C GLU B 112 3.72 -10.23 23.93
N ILE B 113 4.92 -10.65 23.60
CA ILE B 113 5.23 -11.33 22.36
C ILE B 113 5.99 -12.59 22.75
N VAL B 114 5.65 -13.71 22.14
CA VAL B 114 6.40 -14.96 22.27
C VAL B 114 6.75 -15.35 20.86
N ALA B 115 8.03 -15.51 20.60
CA ALA B 115 8.48 -15.94 19.29
C ALA B 115 9.37 -17.16 19.42
N GLY B 116 9.41 -17.92 18.33
CA GLY B 116 10.26 -19.10 18.25
C GLY B 116 11.08 -19.11 16.99
N LEU B 117 11.71 -20.25 16.72
CA LEU B 117 12.56 -20.47 15.57
C LEU B 117 11.72 -20.90 14.38
N THR B 118 12.32 -20.76 13.20
CA THR B 118 11.67 -21.05 11.95
C THR B 118 12.55 -22.01 11.18
N LEU B 119 11.97 -23.07 10.66
CA LEU B 119 12.69 -24.01 9.83
C LEU B 119 12.31 -23.72 8.39
N ILE B 120 13.31 -23.39 7.57
CA ILE B 120 13.14 -23.03 6.17
C ILE B 120 14.00 -23.96 5.35
N ASP B 121 13.38 -24.81 4.53
CA ASP B 121 14.13 -25.72 3.68
C ASP B 121 15.08 -26.56 4.51
N GLY B 122 14.65 -26.95 5.72
CA GLY B 122 15.50 -27.80 6.55
C GLY B 122 16.62 -27.07 7.30
N GLN B 123 16.67 -25.75 7.25
CA GLN B 123 17.68 -25.02 7.99
C GLN B 123 16.97 -24.03 8.89
N LEU B 124 17.57 -23.71 10.02
CA LEU B 124 16.99 -22.73 10.92
C LEU B 124 17.20 -21.34 10.31
N ARG B 125 16.16 -20.55 10.32
CA ARG B 125 16.31 -19.15 9.93
C ARG B 125 17.37 -18.50 10.82
N ALA B 126 18.18 -17.60 10.23
CA ALA B 126 19.29 -16.97 10.93
C ALA B 126 18.76 -15.74 11.67
N ASP B 127 18.17 -16.00 12.82
CA ASP B 127 17.49 -14.98 13.59
C ASP B 127 18.50 -14.04 14.28
N GLU B 128 18.03 -12.83 14.57
CA GLU B 128 18.69 -11.80 15.34
C GLU B 128 17.92 -11.61 16.63
N GLN B 129 18.52 -10.92 17.57
CA GLN B 129 17.86 -10.63 18.82
C GLN B 129 16.89 -9.46 18.69
N TYR B 130 15.80 -9.57 19.44
CA TYR B 130 14.80 -8.51 19.57
C TYR B 130 15.38 -7.51 20.54
N ARG B 131 15.83 -6.38 19.97
CA ARG B 131 16.61 -5.39 20.71
C ARG B 131 16.86 -4.23 19.74
N PRO B 132 17.39 -3.11 20.23
CA PRO B 132 17.53 -1.97 19.31
C PRO B 132 18.40 -2.24 18.08
N ALA B 133 19.34 -3.18 18.16
CA ALA B 133 20.11 -3.50 16.97
C ALA B 133 19.26 -4.05 15.82
N ALA B 134 18.06 -4.60 16.09
CA ALA B 134 17.20 -5.04 15.00
C ALA B 134 16.71 -3.88 14.14
N LEU B 135 16.69 -2.66 14.69
CA LEU B 135 16.17 -1.47 14.00
C LEU B 135 17.04 -1.01 12.85
N ILE B 136 18.25 -1.52 12.70
CA ILE B 136 19.08 -1.28 11.53
C ILE B 136 19.14 -2.51 10.65
N SER B 137 18.17 -3.38 10.81
CA SER B 137 18.12 -4.65 10.08
C SER B 137 16.69 -4.93 9.65
N GLY B 138 16.38 -6.20 9.42
CA GLY B 138 15.03 -6.63 9.13
C GLY B 138 14.30 -7.17 10.34
N ILE B 139 13.32 -8.05 10.09
CA ILE B 139 12.60 -8.64 11.22
C ILE B 139 13.52 -9.65 11.90
N PRO B 140 13.63 -9.61 13.22
CA PRO B 140 14.64 -10.44 13.92
C PRO B 140 14.31 -11.91 14.01
N PHE B 141 13.04 -12.27 13.91
CA PHE B 141 12.56 -13.67 13.91
C PHE B 141 11.55 -13.78 12.77
N GLY B 142 11.20 -15.01 12.41
CA GLY B 142 10.25 -15.18 11.33
C GLY B 142 8.89 -14.73 11.79
N HIS B 143 8.20 -13.99 10.93
CA HIS B 143 6.90 -13.46 11.35
C HIS B 143 5.92 -14.57 11.69
N ASN B 144 5.93 -15.67 10.95
CA ASN B 144 5.01 -16.74 11.28
C ASN B 144 5.39 -17.50 12.54
N ALA B 145 6.58 -17.27 13.07
CA ALA B 145 6.97 -17.82 14.34
C ALA B 145 6.67 -16.89 15.51
N MET B 146 6.00 -15.77 15.23
CA MET B 146 5.65 -14.80 16.26
C MET B 146 4.20 -14.94 16.72
N PHE B 147 4.01 -14.77 18.02
CA PHE B 147 2.70 -14.63 18.64
C PHE B 147 2.71 -13.35 19.44
N ALA B 148 1.67 -12.55 19.28
CA ALA B 148 1.61 -11.27 19.98
C ALA B 148 0.27 -11.16 20.67
N SER B 149 0.28 -10.60 21.87
CA SER B 149 -0.91 -10.49 22.65
C SER B 149 -1.86 -9.45 22.08
N GLN B 150 -3.11 -9.49 22.55
CA GLN B 150 -4.03 -8.40 22.21
C GLN B 150 -3.43 -7.05 22.60
N GLU B 151 -2.81 -7.00 23.77
CA GLU B 151 -2.21 -5.76 24.25
C GLU B 151 -1.05 -5.30 23.37
N ALA B 152 -0.23 -6.23 22.89
CA ALA B 152 0.80 -5.81 21.95
C ALA B 152 0.18 -5.10 20.74
N TYR B 153 -0.84 -5.71 20.11
CA TYR B 153 -1.47 -5.07 18.97
C TYR B 153 -2.19 -3.79 19.33
N ARG B 154 -2.76 -3.69 20.53
CA ARG B 154 -3.37 -2.42 20.91
C ARG B 154 -2.33 -1.33 20.98
N LYS B 155 -1.20 -1.62 21.61
CA LYS B 155 -0.19 -0.55 21.77
C LYS B 155 0.57 -0.25 20.48
N VAL B 156 0.87 -1.25 19.68
CA VAL B 156 1.62 -1.03 18.46
C VAL B 156 0.72 -0.54 17.33
N GLY B 157 -0.44 -1.15 17.16
CA GLY B 157 -1.31 -0.89 16.03
C GLY B 157 -1.25 -2.00 15.02
N LEU B 158 -1.71 -1.68 13.80
CA LEU B 158 -1.86 -2.66 12.72
C LEU B 158 -0.70 -2.56 11.74
N TYR B 159 -0.67 -3.48 10.79
CA TYR B 159 0.37 -3.53 9.78
C TYR B 159 0.19 -2.40 8.75
N ASP B 160 1.30 -1.87 8.31
CA ASP B 160 1.32 -0.68 7.41
C ASP B 160 1.28 -1.16 5.98
N LEU B 161 0.16 -0.95 5.30
CA LEU B 161 -0.03 -1.50 3.97
C LEU B 161 0.91 -0.89 2.94
N ALA B 162 1.56 0.23 3.28
CA ALA B 162 2.55 0.81 2.37
C ALA B 162 3.69 -0.16 2.12
N TYR B 163 3.92 -1.07 3.04
CA TYR B 163 5.02 -2.02 2.90
C TYR B 163 4.45 -3.35 2.50
N ARG B 164 4.45 -3.64 1.21
CA ARG B 164 3.92 -4.90 0.73
C ARG B 164 4.79 -6.08 1.04
N ILE B 165 6.08 -5.87 1.29
CA ILE B 165 7.02 -6.94 1.54
C ILE B 165 7.40 -6.98 3.01
N CYS B 166 7.72 -5.83 3.59
CA CYS B 166 8.38 -5.76 4.89
C CYS B 166 7.52 -5.17 5.99
N ALA B 167 6.19 -5.26 5.85
CA ALA B 167 5.31 -4.74 6.88
C ALA B 167 5.50 -5.51 8.17
N ASP B 168 5.92 -6.77 8.05
CA ASP B 168 6.16 -7.55 9.28
C ASP B 168 7.34 -6.99 10.08
N ALA B 169 8.43 -6.68 9.41
CA ALA B 169 9.55 -6.03 10.06
C ALA B 169 9.18 -4.69 10.66
N GLU B 170 8.45 -3.85 9.87
CA GLU B 170 8.10 -2.54 10.35
C GLU B 170 7.27 -2.60 11.59
N TRP B 171 6.35 -3.59 11.68
CA TRP B 171 5.54 -3.74 12.91
C TRP B 171 6.44 -4.15 14.08
N VAL B 172 7.31 -5.12 13.89
CA VAL B 172 8.19 -5.57 14.97
C VAL B 172 9.15 -4.45 15.40
N HIS B 173 9.57 -3.60 14.44
CA HIS B 173 10.41 -2.47 14.84
C HIS B 173 9.59 -1.51 15.70
N ARG B 174 8.31 -1.31 15.35
CA ARG B 174 7.44 -0.48 16.18
C ARG B 174 7.28 -1.07 17.57
N ALA B 175 7.16 -2.40 17.65
CA ALA B 175 7.08 -3.03 18.99
C ALA B 175 8.35 -2.79 19.78
N ILE B 176 9.53 -2.86 19.14
CA ILE B 176 10.78 -2.61 19.87
C ILE B 176 10.77 -1.19 20.39
N LYS B 177 10.41 -0.24 19.51
CA LYS B 177 10.42 1.15 19.86
C LYS B 177 9.40 1.46 20.92
N SER B 178 8.33 0.68 21.03
CA SER B 178 7.31 0.87 22.05
C SER B 178 7.63 0.14 23.34
N ASP B 179 8.76 -0.56 23.41
CA ASP B 179 9.17 -1.31 24.60
C ASP B 179 8.19 -2.44 24.90
N ILE B 180 7.67 -3.07 23.87
CA ILE B 180 6.86 -4.27 24.06
C ILE B 180 7.76 -5.44 24.49
N SER B 181 7.35 -6.16 25.51
CA SER B 181 8.21 -7.23 26.05
C SER B 181 8.13 -8.45 25.15
N CYS B 182 9.25 -9.17 25.04
CA CYS B 182 9.33 -10.29 24.11
C CYS B 182 10.15 -11.41 24.70
N ARG B 183 9.65 -12.61 24.60
CA ARG B 183 10.39 -13.80 24.98
C ARG B 183 10.65 -14.64 23.74
N LYS B 184 11.94 -14.94 23.50
CA LYS B 184 12.35 -15.76 22.36
C LYS B 184 12.59 -17.16 22.87
N VAL B 185 11.93 -18.13 22.25
CA VAL B 185 12.00 -19.54 22.66
C VAL B 185 12.84 -20.27 21.61
N GLU B 186 13.84 -21.00 22.06
CA GLU B 186 14.76 -21.70 21.17
C GLU B 186 14.24 -23.09 20.81
N GLN B 187 13.07 -23.09 20.18
CA GLN B 187 12.44 -24.28 19.65
C GLN B 187 11.78 -23.88 18.34
N VAL B 188 11.71 -24.83 17.41
CA VAL B 188 11.08 -24.51 16.14
C VAL B 188 9.58 -24.39 16.33
N PHE B 189 9.03 -23.21 15.94
CA PHE B 189 7.58 -23.01 16.02
C PHE B 189 6.89 -23.33 14.69
N VAL B 190 7.57 -23.09 13.59
CA VAL B 190 6.94 -23.12 12.27
C VAL B 190 7.92 -23.67 11.26
N GLU B 191 7.40 -24.45 10.35
CA GLU B 191 8.13 -25.01 9.22
C GLU B 191 7.51 -24.28 8.02
N PHE B 192 8.33 -23.46 7.37
CA PHE B 192 7.90 -22.40 6.44
C PHE B 192 7.92 -23.01 5.05
N GLY B 193 6.84 -22.80 4.31
CA GLY B 193 6.71 -23.41 2.99
C GLY B 193 7.43 -22.62 1.90
N PRO B 202 14.29 -8.44 -5.81
CA PRO B 202 15.20 -8.26 -4.68
C PRO B 202 15.67 -6.80 -4.51
N GLU B 203 15.83 -6.09 -5.63
CA GLU B 203 15.93 -4.64 -5.54
C GLU B 203 14.74 -4.07 -4.76
N GLU B 204 13.55 -4.65 -4.98
CA GLU B 204 12.33 -4.22 -4.29
C GLU B 204 12.43 -4.51 -2.79
N ILE B 205 12.91 -5.70 -2.44
CA ILE B 205 13.03 -6.09 -1.04
C ILE B 205 14.03 -5.19 -0.33
N ILE B 206 15.22 -5.05 -0.91
CA ILE B 206 16.24 -4.15 -0.35
C ILE B 206 15.69 -2.75 -0.18
N ALA B 207 15.04 -2.23 -1.23
CA ALA B 207 14.47 -0.90 -1.12
C ALA B 207 13.46 -0.79 0.02
N GLU B 208 12.56 -1.78 0.17
CA GLU B 208 11.62 -1.67 1.29
C GLU B 208 12.37 -1.79 2.61
N ALA B 209 13.36 -2.66 2.67
CA ALA B 209 14.08 -2.89 3.93
C ALA B 209 14.81 -1.61 4.35
N CYS B 210 15.41 -0.93 3.38
CA CYS B 210 16.04 0.35 3.69
C CYS B 210 15.02 1.35 4.17
N SER B 211 13.84 1.38 3.53
CA SER B 211 12.81 2.32 3.92
C SER B 211 12.34 2.09 5.33
N VAL B 212 12.20 0.82 5.71
CA VAL B 212 11.82 0.47 7.09
C VAL B 212 12.87 1.01 8.09
N ILE B 213 14.15 0.84 7.80
CA ILE B 213 15.21 1.34 8.68
C ILE B 213 15.15 2.84 8.78
N GLN B 214 14.89 3.52 7.65
CA GLN B 214 14.84 4.98 7.69
C GLN B 214 13.63 5.48 8.45
N ARG B 215 12.59 4.68 8.49
CA ARG B 215 11.43 4.99 9.31
C ARG B 215 11.76 4.96 10.79
N ASN B 216 12.73 4.12 11.22
CA ASN B 216 13.23 4.25 12.59
C ASN B 216 14.16 5.43 12.76
N PHE B 217 15.00 5.69 11.76
CA PHE B 217 16.08 6.68 11.85
C PHE B 217 16.01 7.57 10.62
N PRO B 218 15.14 8.60 10.62
CA PRO B 218 14.85 9.31 9.38
C PRO B 218 15.98 10.27 8.90
N PHE B 219 17.04 10.39 9.71
CA PHE B 219 18.23 11.15 9.31
C PHE B 219 19.12 10.35 8.36
N LEU B 220 18.89 9.04 8.22
CA LEU B 220 19.72 8.25 7.34
C LEU B 220 19.37 8.43 5.87
N LEU B 221 20.40 8.55 5.04
CA LEU B 221 20.24 8.39 3.61
C LEU B 221 19.97 6.91 3.32
N LYS B 222 19.33 6.66 2.18
CA LYS B 222 19.03 5.28 1.80
C LYS B 222 20.30 4.44 1.72
N GLU B 223 21.39 5.03 1.20
CA GLU B 223 22.66 4.32 1.06
C GLU B 223 23.22 3.94 2.42
N GLU B 224 23.03 4.81 3.42
CA GLU B 224 23.52 4.54 4.76
C GLU B 224 22.70 3.47 5.43
N ALA B 225 21.38 3.52 5.28
CA ALA B 225 20.57 2.43 5.79
C ALA B 225 21.01 1.11 5.21
N LYS B 226 21.28 1.11 3.89
CA LYS B 226 21.69 -0.10 3.22
C LYS B 226 23.01 -0.60 3.77
N TYR B 227 23.99 0.30 3.88
CA TYR B 227 25.26 -0.06 4.48
C TYR B 227 25.11 -0.70 5.86
N LEU B 228 24.26 -0.12 6.71
CA LEU B 228 24.03 -0.69 8.03
C LEU B 228 23.39 -2.07 7.94
N LEU B 229 22.40 -2.21 7.06
CA LEU B 229 21.71 -3.49 6.91
C LEU B 229 22.68 -4.59 6.51
N TYR B 230 23.43 -4.33 5.45
CA TYR B 230 24.44 -5.27 4.97
C TYR B 230 25.53 -5.51 6.01
N GLY B 231 25.89 -4.48 6.76
CA GLY B 231 26.90 -4.65 7.79
C GLY B 231 26.45 -5.61 8.87
N VAL B 232 25.20 -5.49 9.32
CA VAL B 232 24.71 -6.40 10.35
C VAL B 232 24.53 -7.79 9.79
N ARG B 233 24.06 -7.90 8.53
CA ARG B 233 23.71 -9.20 7.98
C ARG B 233 24.92 -9.97 7.49
N GLY B 234 26.10 -9.37 7.49
CA GLY B 234 27.25 -10.02 6.91
C GLY B 234 27.36 -9.94 5.41
N TRP B 235 26.64 -9.04 4.76
CA TRP B 235 26.74 -8.92 3.31
C TRP B 235 27.81 -7.92 2.89
N GLY B 236 28.20 -7.02 3.80
CA GLY B 236 29.09 -5.94 3.45
C GLY B 236 30.09 -5.66 4.56
N GLU B 237 31.10 -4.89 4.17
CA GLU B 237 32.17 -4.38 5.02
C GLU B 237 31.60 -3.41 6.04
N THR B 238 32.38 -3.17 7.10
CA THR B 238 31.87 -2.34 8.19
C THR B 238 32.84 -1.22 8.60
N SER B 239 33.80 -0.85 7.77
CA SER B 239 34.74 0.19 8.20
C SER B 239 34.10 1.57 8.37
N ARG B 240 32.97 1.85 7.73
CA ARG B 240 32.35 3.16 7.86
C ARG B 240 31.39 3.28 9.04
N ILE B 241 31.21 2.21 9.83
CA ILE B 241 30.26 2.28 10.94
C ILE B 241 30.65 3.38 11.91
N GLU B 242 31.94 3.49 12.20
CA GLU B 242 32.40 4.57 13.06
C GLU B 242 32.04 5.94 12.48
N GLN B 243 32.16 6.09 11.16
CA GLN B 243 31.86 7.39 10.55
C GLN B 243 30.37 7.70 10.66
N ILE B 244 29.54 6.70 10.40
CA ILE B 244 28.09 6.85 10.53
C ILE B 244 27.72 7.19 11.97
N LEU B 245 28.38 6.54 12.92
CA LEU B 245 28.05 6.82 14.32
C LEU B 245 28.42 8.24 14.70
N ARG B 246 29.58 8.73 14.27
CA ARG B 246 29.95 10.10 14.56
C ARG B 246 28.99 11.07 13.90
N LYS B 247 28.51 10.71 12.71
CA LYS B 247 27.70 11.64 11.93
C LYS B 247 26.34 11.87 12.58
N TYR B 248 25.77 10.81 13.17
CA TYR B 248 24.39 10.84 13.63
C TYR B 248 24.19 10.53 15.10
N GLY B 249 25.21 10.07 15.81
CA GLY B 249 24.98 9.60 17.16
C GLY B 249 24.27 10.61 18.04
N HIS B 250 24.59 11.89 17.88
CA HIS B 250 23.98 12.96 18.66
C HIS B 250 22.49 13.06 18.41
N GLU B 251 22.00 12.51 17.30
CA GLU B 251 20.59 12.65 16.97
C GLU B 251 19.71 11.77 17.81
N SER B 252 20.21 10.63 18.25
CA SER B 252 19.32 9.62 18.81
C SER B 252 20.11 8.68 19.71
N VAL B 253 19.75 8.64 20.98
CA VAL B 253 20.31 7.60 21.83
C VAL B 253 19.93 6.20 21.36
N LEU B 254 18.75 6.04 20.75
CA LEU B 254 18.37 4.72 20.29
C LEU B 254 19.27 4.23 19.16
N PHE B 255 19.70 5.14 18.31
CA PHE B 255 20.61 4.81 17.22
C PHE B 255 21.97 4.37 17.75
N VAL B 256 22.49 5.12 18.72
CA VAL B 256 23.78 4.76 19.29
C VAL B 256 23.71 3.36 19.90
N THR B 257 22.64 3.09 20.65
CA THR B 257 22.47 1.77 21.23
C THR B 257 22.40 0.68 20.16
N ALA B 258 21.62 0.93 19.10
CA ALA B 258 21.52 -0.03 18.00
C ALA B 258 22.90 -0.36 17.44
N LEU B 259 23.70 0.67 17.13
CA LEU B 259 25.01 0.40 16.55
C LEU B 259 25.96 -0.22 17.56
N GLN B 260 25.93 0.22 18.81
CA GLN B 260 26.79 -0.40 19.80
C GLN B 260 26.48 -1.87 19.99
N GLU B 261 25.19 -2.24 19.97
CA GLU B 261 24.79 -3.65 20.07
C GLU B 261 25.19 -4.43 18.83
N ALA B 262 24.92 -3.86 17.66
CA ALA B 262 25.14 -4.58 16.41
C ALA B 262 26.63 -4.73 16.09
N PHE B 263 27.46 -3.73 16.41
CA PHE B 263 28.89 -3.74 16.06
C PHE B 263 29.69 -3.49 17.33
N PRO B 264 29.93 -4.53 18.12
CA PRO B 264 30.60 -4.33 19.42
C PRO B 264 31.97 -3.69 19.34
N ALA B 265 32.69 -3.88 18.23
CA ALA B 265 34.03 -3.30 18.15
C ALA B 265 33.98 -1.77 18.14
N VAL B 266 32.85 -1.17 17.83
CA VAL B 266 32.74 0.28 17.92
C VAL B 266 32.36 0.68 19.35
O1P GFB C . 9.07 6.70 -11.83
P GFB C . 7.88 7.65 -11.76
O3P GFB C . 7.49 8.35 -13.04
O2P GFB C . 6.57 6.94 -11.05
O5' GFB C . 8.20 8.73 -10.54
P1 GFB C . 5.31 6.25 -11.90
C5' GFB C . 7.24 9.73 -10.44
C4' GFB C . 7.80 10.75 -9.70
O4' GFB C . 8.04 10.37 -8.27
C3' GFB C . 9.29 11.16 -10.11
C1' GFB C . 9.38 10.48 -7.94
O3' GFB C . 9.24 12.67 -9.95
C2' GFB C . 10.14 10.54 -9.34
O2' GFB C . 11.32 11.29 -8.96
N9 GFB C . 9.66 9.32 -7.10
C8 GFB C . 9.83 8.04 -7.43
C4 GFB C . 9.63 9.38 -5.79
N7 GFB C . 9.92 7.29 -6.33
C5 GFB C . 9.79 8.11 -5.27
C6 GFB C . 9.74 7.87 -3.79
O6 GFB C . 9.91 6.79 -3.25
N1 GFB C . 9.54 8.97 -2.95
C2 GFB C . 9.44 10.30 -3.54
N2 GFB C . 9.29 11.38 -2.67
N3 GFB C . 9.46 10.49 -4.90
C1 GFB C . 3.36 7.94 -11.31
C2A GFB C . 1.93 8.15 -11.84
O1 GFB C . 4.24 7.50 -12.27
O5 GFB C . 3.82 9.30 -10.93
C3 GFB C . 1.00 8.86 -10.90
O2 GFB C . 1.34 6.87 -12.22
C4A GFB C . 1.55 10.21 -10.57
O3 GFB C . -0.24 9.00 -11.66
C5A GFB C . 2.93 10.04 -10.02
O4 GFB C . 1.72 10.90 -11.80
C6A GFB C . 3.56 11.39 -9.77
O1X GFB C . 4.71 5.32 -10.89
O2X GFB C . 5.83 5.59 -13.17
H5' GFB C . 6.36 9.34 -9.93
H5'A GFB C . 6.96 10.08 -11.42
H4' GFB C . 7.11 11.58 -9.85
H3' GFB C . 9.61 10.82 -11.09
H1' GFB C . 9.66 11.39 -7.42
HO3' GFB C . 8.85 12.88 -9.11
H2' GFB C . 10.40 9.63 -9.87
HO2' GFB C . 12.08 10.73 -8.92
H8 GFB C . 9.87 7.67 -8.44
HN1 GFB C . 9.46 8.84 -1.96
H1 GFB C . 3.36 7.17 -10.53
H2A GFB C . 2.03 8.78 -12.71
H3 GFB C . 0.84 8.33 -9.97
HO2 GFB C . 1.80 6.16 -11.80
H4A GFB C . 0.89 10.75 -9.90
HO3 GFB C . -0.96 9.07 -11.05
H5A GFB C . 2.85 9.50 -9.08
HO4 GFB C . 0.94 10.85 -12.33
H6A GFB C . 3.93 11.81 -10.72
H6AA GFB C . 2.80 12.08 -9.35
H6AB GFB C . 4.39 11.29 -9.06
HN2 GFB C . 9.13 12.28 -3.06
HN2A GFB C . 9.24 11.22 -1.69
C1 GOL D . -3.86 -5.96 -4.86
O1 GOL D . -4.81 -6.57 -4.04
C2 GOL D . -2.56 -6.49 -4.27
O2 GOL D . -2.44 -7.86 -4.39
C3 GOL D . -1.54 -5.75 -5.07
O3 GOL D . -1.42 -6.55 -6.20
H11 GOL D . -3.94 -6.20 -5.80
H12 GOL D . -3.88 -4.99 -4.83
HO1 GOL D . -5.47 -6.06 -4.00
H2 GOL D . -2.48 -6.31 -3.32
HO2 GOL D . -1.92 -8.02 -5.04
H31 GOL D . -1.84 -4.85 -5.25
H32 GOL D . -0.73 -5.65 -4.57
HO3 GOL D . -0.82 -6.21 -6.68
O1P GFB E . 2.46 -16.05 -1.37
P GFB E . 2.71 -15.98 0.10
O3P GFB E . 3.53 -17.21 0.51
O2P GFB E . 3.29 -14.48 0.61
O5' GFB E . 1.22 -15.96 0.85
P1 GFB E . 4.81 -13.97 1.08
C5' GFB E . 1.11 -16.06 2.22
C4' GFB E . -0.21 -16.36 2.49
O4' GFB E . -1.17 -15.24 2.08
C3' GFB E . -0.78 -17.58 1.63
C1' GFB E . -2.06 -15.75 1.13
O3' GFB E . -1.58 -18.28 2.66
C2' GFB E . -1.43 -17.14 0.64
O2' GFB E . -2.70 -17.86 0.26
N9 GFB E . -2.21 -14.69 0.21
C8 GFB E . -1.34 -14.33 -0.71
C4 GFB E . -3.19 -13.78 0.24
N7 GFB E . -1.79 -13.18 -1.32
C5 GFB E . -2.91 -12.82 -0.71
C6 GFB E . -3.86 -11.67 -0.87
O6 GFB E . -3.74 -10.80 -1.69
N1 GFB E . -4.96 -11.61 -0.01
C2 GFB E . -5.25 -12.65 0.95
N2 GFB E . -6.39 -12.56 1.79
N3 GFB E . -4.34 -13.70 1.10
C1 GFB E . 4.46 -13.58 3.65
C2A GFB E . 5.41 -13.29 4.81
O1 GFB E . 5.07 -14.37 2.70
O5 GFB E . 3.23 -14.28 4.15
C3 GFB E . 4.71 -12.60 5.94
O2 GFB E . 6.58 -12.53 4.37
C4A GFB E . 3.60 -13.45 6.44
O3 GFB E . 5.71 -12.37 6.97
C5A GFB E . 2.58 -13.80 5.38
O4 GFB E . 4.20 -14.73 6.72
C6A GFB E . 1.70 -14.91 5.97
O1X GFB E . 4.84 -12.45 1.01
O2X GFB E . 5.81 -14.60 0.12
H5' GFB E . 1.38 -15.13 2.70
H5'A GFB E . 1.75 -16.84 2.59
H4' GFB E . -0.26 -16.58 3.55
H3' GFB E . -0.03 -18.20 1.13
H1' GFB E . -3.04 -16.06 1.48
HO3' GFB E . -2.24 -17.69 2.99
H2' GFB E . -0.70 -17.15 -0.18
HO2' GFB E . -2.72 -17.98 -0.68
H8 GFB E . -0.43 -14.84 -0.94
HN1 GFB E . -5.57 -10.81 -0.06
H1 GFB E . 4.21 -12.63 3.18
H2A GFB E . 5.79 -14.24 5.19
H3 GFB E . 4.30 -11.64 5.65
HO2 GFB E . 6.58 -11.67 4.74
H4A GFB E . 3.14 -12.95 7.27
HO3 GFB E . 6.25 -13.13 7.03
H5A GFB E . 1.99 -12.93 5.14
HO4 GFB E . 4.59 -14.71 7.58
H6A GFB E . 1.34 -14.62 6.97
H6AA GFB E . 2.28 -15.84 6.06
H6AB GFB E . 0.83 -15.09 5.32
HN2 GFB E . -6.55 -13.25 2.50
HN2A GFB E . -7.04 -11.78 1.70
C1 GOL F . -6.90 -7.13 19.15
O1 GOL F . -8.05 -7.59 18.41
C2 GOL F . -7.26 -5.72 19.32
O2 GOL F . -8.23 -5.39 20.19
C3 GOL F . -5.96 -4.91 19.71
O3 GOL F . -6.09 -3.86 18.80
H11 GOL F . -6.77 -7.56 19.99
H12 GOL F . -6.07 -7.22 18.67
HO1 GOL F . -7.79 -7.92 17.68
H2 GOL F . -7.62 -5.52 18.44
HO2 GOL F . -8.13 -4.57 20.43
H31 GOL F . -5.98 -4.64 20.64
H32 GOL F . -5.16 -5.44 19.61
HO3 GOL F . -5.34 -3.51 18.68
#